data_7NM0
#
_entry.id   7NM0
#
_cell.length_a   174.345
_cell.length_b   174.345
_cell.length_c   72.096
_cell.angle_alpha   90.000
_cell.angle_beta   90.000
_cell.angle_gamma   120.000
#
_symmetry.space_group_name_H-M   'H 3 2'
#
loop_
_entity.id
_entity.type
_entity.pdbx_description
1 polymer 'Acetylglutamate kinase'
2 non-polymer 1-[2,6-bis(oxidanyl)phenyl]ethanone
3 non-polymer 'SULFATE ION'
4 non-polymer 1,2-ETHANEDIOL
5 water water
#
_entity_poly.entity_id   1
_entity_poly.type   'polypeptide(L)'
_entity_poly.pdbx_seq_one_letter_code
;GSMVSRIEALPTHIKAQVLAEALPWLKQLHGKVVVVKYGGNAMTDDTLRRAFAADMAFLRNCGIHPVVVHGGGPQITAML
RRLGIEGDFKGGFRVTTPEVLDVARMVLFGQVGRELVNLINAHGPYAVGITGEDAQLFTAVRRSVTVDGVATDIGLVGDV
DQVNTAAMLDLVAAGRIPVVSTLAPDADGVVHNINADTAAAAVAEALGAEKLLMLTDIDGLYTRWPDRDSLVSEIDTGTL
AQLLPTLESGMVPKVEACLRAVIGGVPSAHIIDGRVTHCVLVELFTDAGTGTKVVRG
;
_entity_poly.pdbx_strand_id   A
#
loop_
_chem_comp.id
_chem_comp.type
_chem_comp.name
_chem_comp.formula
9EQ non-polymer 1-[2,6-bis(oxidanyl)phenyl]ethanone 'C8 H8 O3'
EDO non-polymer 1,2-ETHANEDIOL 'C2 H6 O2'
SO4 non-polymer 'SULFATE ION' 'O4 S -2'
#
# COMPACT_ATOMS: atom_id res chain seq x y z
N ILE A 7 -23.74 -18.79 -8.87
CA ILE A 7 -22.44 -19.16 -8.31
C ILE A 7 -22.49 -20.59 -7.75
N GLU A 8 -23.66 -21.22 -7.86
CA GLU A 8 -23.83 -22.60 -7.44
C GLU A 8 -24.28 -23.53 -8.55
N ALA A 9 -24.57 -23.00 -9.75
CA ALA A 9 -24.76 -23.83 -10.93
C ALA A 9 -23.43 -24.48 -11.28
N LEU A 10 -22.41 -24.19 -10.49
CA LEU A 10 -21.03 -24.65 -10.60
C LEU A 10 -20.83 -25.88 -9.73
N PRO A 11 -20.41 -27.00 -10.32
CA PRO A 11 -20.41 -28.27 -9.59
C PRO A 11 -19.42 -28.25 -8.43
N THR A 12 -19.78 -28.99 -7.38
CA THR A 12 -19.07 -28.91 -6.12
C THR A 12 -17.73 -29.64 -6.14
N HIS A 13 -17.50 -30.54 -7.11
CA HIS A 13 -16.17 -31.12 -7.27
C HIS A 13 -15.16 -30.12 -7.82
N ILE A 14 -15.63 -29.07 -8.48
CA ILE A 14 -14.76 -27.99 -8.94
C ILE A 14 -14.56 -26.91 -7.86
N LYS A 15 -15.58 -26.65 -7.04
CA LYS A 15 -15.39 -25.82 -5.84
C LYS A 15 -14.26 -26.38 -4.98
N ALA A 16 -14.19 -27.71 -4.87
CA ALA A 16 -13.17 -28.36 -4.08
C ALA A 16 -11.77 -28.04 -4.61
N GLN A 17 -11.55 -28.23 -5.91
CA GLN A 17 -10.20 -28.09 -6.46
C GLN A 17 -9.70 -26.64 -6.37
N VAL A 18 -10.59 -25.65 -6.51
CA VAL A 18 -10.21 -24.25 -6.33
C VAL A 18 -9.60 -24.04 -4.95
N LEU A 19 -10.29 -24.54 -3.92
CA LEU A 19 -9.79 -24.45 -2.56
C LEU A 19 -8.50 -25.23 -2.39
N ALA A 20 -8.44 -26.45 -2.93
CA ALA A 20 -7.24 -27.25 -2.70
C ALA A 20 -6.01 -26.60 -3.32
N GLU A 21 -6.18 -25.91 -4.45
CA GLU A 21 -5.06 -25.21 -5.08
C GLU A 21 -4.59 -24.01 -4.30
N ALA A 22 -5.33 -23.60 -3.28
CA ALA A 22 -4.83 -22.57 -2.39
C ALA A 22 -3.77 -23.09 -1.44
N LEU A 23 -3.66 -24.42 -1.28
CA LEU A 23 -2.87 -24.97 -0.18
C LEU A 23 -1.41 -24.55 -0.25
N PRO A 24 -0.70 -24.62 -1.39
CA PRO A 24 0.72 -24.23 -1.38
C PRO A 24 0.94 -22.75 -1.05
N TRP A 25 -0.02 -21.87 -1.30
CA TRP A 25 0.19 -20.50 -0.87
C TRP A 25 -0.18 -20.30 0.60
N LEU A 26 -1.18 -21.03 1.11
CA LEU A 26 -1.38 -21.03 2.56
C LEU A 26 -0.13 -21.46 3.31
N LYS A 27 0.56 -22.50 2.80
CA LYS A 27 1.77 -22.98 3.45
C LYS A 27 2.84 -21.89 3.44
N GLN A 28 3.01 -21.23 2.30
CA GLN A 28 4.11 -20.28 2.16
C GLN A 28 3.87 -19.03 3.02
N LEU A 29 2.63 -18.57 3.13
CA LEU A 29 2.37 -17.33 3.87
C LEU A 29 2.02 -17.55 5.34
N HIS A 30 1.80 -18.79 5.78
CA HIS A 30 1.38 -19.01 7.15
C HIS A 30 2.39 -18.44 8.14
N GLY A 31 1.90 -17.62 9.08
CA GLY A 31 2.77 -16.98 10.06
C GLY A 31 3.65 -15.89 9.52
N LYS A 32 3.35 -15.36 8.34
CA LYS A 32 4.17 -14.36 7.68
C LYS A 32 3.40 -13.06 7.62
N VAL A 33 4.14 -11.96 7.56
CA VAL A 33 3.51 -10.65 7.39
C VAL A 33 3.43 -10.33 5.90
N VAL A 34 2.29 -9.80 5.48
CA VAL A 34 2.07 -9.29 4.12
C VAL A 34 1.66 -7.84 4.27
N VAL A 35 2.39 -6.93 3.61
CA VAL A 35 2.02 -5.52 3.64
C VAL A 35 1.21 -5.24 2.39
N VAL A 36 0.14 -4.48 2.55
CA VAL A 36 -0.76 -4.17 1.46
C VAL A 36 -0.91 -2.66 1.40
N LYS A 37 -0.44 -2.05 0.30
CA LYS A 37 -0.82 -0.69 -0.02
C LYS A 37 -2.20 -0.70 -0.65
N TYR A 38 -3.13 -0.02 0.00
CA TYR A 38 -4.52 0.05 -0.40
C TYR A 38 -4.81 1.49 -0.84
N GLY A 39 -5.23 1.64 -2.10
CA GLY A 39 -5.59 2.95 -2.62
C GLY A 39 -6.33 2.81 -3.94
N GLY A 40 -6.49 3.94 -4.62
CA GLY A 40 -7.22 3.88 -5.89
C GLY A 40 -8.68 3.50 -5.74
N ASN A 41 -9.22 2.90 -6.81
CA ASN A 41 -10.65 2.56 -6.86
C ASN A 41 -11.02 1.54 -5.79
N ALA A 42 -10.12 0.58 -5.51
CA ALA A 42 -10.35 -0.41 -4.45
C ALA A 42 -10.73 0.25 -3.13
N MET A 43 -10.52 1.56 -3.03
CA MET A 43 -10.82 2.36 -1.86
C MET A 43 -12.05 3.24 -2.04
N THR A 44 -12.43 3.58 -3.27
CA THR A 44 -13.55 4.48 -3.49
C THR A 44 -14.87 3.77 -3.80
N ASP A 45 -14.87 2.51 -4.22
CA ASP A 45 -16.11 1.83 -4.55
C ASP A 45 -16.54 0.93 -3.39
N ASP A 46 -17.83 0.98 -3.09
CA ASP A 46 -18.36 0.32 -1.90
C ASP A 46 -18.16 -1.19 -1.94
N THR A 47 -18.52 -1.83 -3.06
CA THR A 47 -18.40 -3.29 -3.13
C THR A 47 -16.94 -3.73 -3.04
N LEU A 48 -16.04 -3.01 -3.72
CA LEU A 48 -14.63 -3.39 -3.67
C LEU A 48 -14.03 -3.14 -2.28
N ARG A 49 -14.40 -2.04 -1.64
CA ARG A 49 -13.98 -1.81 -0.25
C ARG A 49 -14.34 -3.00 0.63
N ARG A 50 -15.61 -3.43 0.62
CA ARG A 50 -16.03 -4.49 1.54
C ARG A 50 -15.30 -5.79 1.25
N ALA A 51 -15.08 -6.11 -0.03
CA ALA A 51 -14.27 -7.26 -0.37
C ALA A 51 -12.86 -7.12 0.17
N PHE A 52 -12.27 -5.92 0.08
CA PHE A 52 -10.91 -5.75 0.58
C PHE A 52 -10.85 -6.05 2.08
N ALA A 53 -11.80 -5.50 2.84
CA ALA A 53 -11.86 -5.74 4.28
C ALA A 53 -12.07 -7.22 4.58
N ALA A 54 -13.02 -7.85 3.87
CA ALA A 54 -13.28 -9.27 4.07
C ALA A 54 -12.04 -10.10 3.79
N ASP A 55 -11.21 -9.65 2.87
CA ASP A 55 -9.99 -10.36 2.54
C ASP A 55 -8.92 -10.20 3.64
N MET A 56 -8.80 -9.00 4.23
CA MET A 56 -7.94 -8.86 5.41
C MET A 56 -8.41 -9.79 6.53
N ALA A 57 -9.72 -9.90 6.72
CA ALA A 57 -10.25 -10.86 7.69
C ALA A 57 -9.86 -12.29 7.32
N PHE A 58 -9.96 -12.64 6.03
CA PHE A 58 -9.53 -13.95 5.53
C PHE A 58 -8.09 -14.23 5.95
N LEU A 59 -7.17 -13.34 5.59
CA LEU A 59 -5.76 -13.53 5.92
C LEU A 59 -5.59 -13.79 7.41
N ARG A 60 -6.12 -12.90 8.25
CA ARG A 60 -6.05 -13.05 9.69
C ARG A 60 -6.67 -14.37 10.17
N ASN A 61 -7.70 -14.87 9.49
CA ASN A 61 -8.27 -16.13 9.93
C ASN A 61 -7.58 -17.33 9.30
N CYS A 62 -6.50 -17.11 8.53
CA CYS A 62 -5.59 -18.16 8.10
C CYS A 62 -4.28 -18.12 8.88
N GLY A 63 -4.19 -17.29 9.93
CA GLY A 63 -2.94 -17.08 10.65
C GLY A 63 -1.86 -16.41 9.84
N ILE A 64 -2.25 -15.67 8.81
CA ILE A 64 -1.36 -14.77 8.07
C ILE A 64 -1.51 -13.41 8.73
N HIS A 65 -0.47 -12.57 8.65
CA HIS A 65 -0.43 -11.29 9.37
C HIS A 65 -0.42 -10.11 8.41
N PRO A 66 -1.58 -9.68 7.92
CA PRO A 66 -1.61 -8.53 7.00
C PRO A 66 -1.34 -7.23 7.72
N VAL A 67 -0.66 -6.32 7.04
CA VAL A 67 -0.50 -4.93 7.48
C VAL A 67 -0.95 -4.04 6.32
N VAL A 68 -1.84 -3.10 6.60
CA VAL A 68 -2.43 -2.24 5.58
C VAL A 68 -1.82 -0.85 5.67
N VAL A 69 -1.32 -0.34 4.54
CA VAL A 69 -0.90 1.05 4.41
C VAL A 69 -1.81 1.70 3.37
N HIS A 70 -2.41 2.84 3.72
CA HIS A 70 -3.36 3.51 2.84
C HIS A 70 -2.93 4.93 2.51
N GLY A 71 -3.25 5.36 1.30
CA GLY A 71 -3.14 6.74 0.89
C GLY A 71 -4.46 7.46 0.97
N GLY A 72 -4.67 8.43 0.09
CA GLY A 72 -5.87 9.24 0.13
C GLY A 72 -5.67 10.65 -0.37
N GLY A 73 -4.84 10.79 -1.40
CA GLY A 73 -4.60 12.07 -2.02
C GLY A 73 -5.84 12.86 -2.35
N PRO A 74 -6.78 12.27 -3.10
CA PRO A 74 -7.97 13.05 -3.53
C PRO A 74 -8.83 13.55 -2.37
N GLN A 75 -8.86 12.83 -1.25
CA GLN A 75 -9.72 13.24 -0.14
C GLN A 75 -9.16 14.47 0.57
N ILE A 76 -7.82 14.55 0.64
CA ILE A 76 -7.19 15.74 1.22
C ILE A 76 -7.50 16.95 0.38
N THR A 77 -7.28 16.84 -0.95
CA THR A 77 -7.62 17.90 -1.88
C THR A 77 -9.05 18.40 -1.68
N ALA A 78 -10.03 17.48 -1.69
CA ALA A 78 -11.41 17.90 -1.49
C ALA A 78 -11.59 18.66 -0.17
N MET A 79 -10.98 18.16 0.92
CA MET A 79 -11.17 18.82 2.21
C MET A 79 -10.56 20.21 2.22
N LEU A 80 -9.37 20.37 1.64
CA LEU A 80 -8.74 21.68 1.54
C LEU A 80 -9.62 22.64 0.76
N ARG A 81 -10.23 22.14 -0.32
CA ARG A 81 -11.18 22.97 -1.08
C ARG A 81 -12.40 23.29 -0.24
N ARG A 82 -12.91 22.31 0.51
CA ARG A 82 -14.05 22.58 1.38
C ARG A 82 -13.72 23.67 2.39
N LEU A 83 -12.48 23.68 2.89
CA LEU A 83 -12.05 24.66 3.89
C LEU A 83 -11.57 25.95 3.27
N GLY A 84 -11.63 26.09 1.96
CA GLY A 84 -11.18 27.33 1.32
C GLY A 84 -9.70 27.62 1.53
N ILE A 85 -8.88 26.57 1.72
CA ILE A 85 -7.45 26.75 1.95
C ILE A 85 -6.76 26.75 0.58
N GLU A 86 -6.29 27.92 0.16
CA GLU A 86 -5.65 28.06 -1.14
C GLU A 86 -4.26 27.45 -1.10
N GLY A 87 -3.91 26.69 -2.14
CA GLY A 87 -2.63 26.02 -2.18
C GLY A 87 -1.58 26.78 -2.95
N ASP A 88 -0.33 26.44 -2.65
CA ASP A 88 0.81 26.89 -3.43
C ASP A 88 1.41 25.69 -4.13
N PHE A 89 1.85 25.87 -5.37
CA PHE A 89 2.29 24.74 -6.19
C PHE A 89 3.64 25.03 -6.82
N LYS A 90 4.66 24.26 -6.43
CA LYS A 90 5.93 24.21 -7.13
C LYS A 90 5.91 23.00 -8.05
N GLY A 91 6.13 23.22 -9.34
CA GLY A 91 5.93 22.15 -10.30
C GLY A 91 4.51 21.63 -10.21
N GLY A 92 4.37 20.31 -10.11
CA GLY A 92 3.08 19.69 -9.93
C GLY A 92 2.68 19.47 -8.48
N PHE A 93 3.50 19.88 -7.53
CA PHE A 93 3.33 19.51 -6.12
C PHE A 93 2.76 20.68 -5.33
N ARG A 94 1.76 20.39 -4.51
CA ARG A 94 1.27 21.32 -3.49
C ARG A 94 2.25 21.40 -2.33
N VAL A 95 2.50 22.62 -1.85
CA VAL A 95 3.39 22.80 -0.70
C VAL A 95 2.64 22.41 0.58
N THR A 96 3.27 21.60 1.43
CA THR A 96 2.60 21.15 2.63
C THR A 96 3.01 22.07 3.78
N THR A 97 2.29 23.19 3.87
CA THR A 97 2.37 24.13 4.99
C THR A 97 1.94 23.40 6.26
N PRO A 98 2.20 23.96 7.46
CA PRO A 98 1.67 23.34 8.68
C PRO A 98 0.16 23.15 8.62
N GLU A 99 -0.54 24.12 8.06
CA GLU A 99 -2.00 24.04 7.93
C GLU A 99 -2.42 22.87 7.04
N VAL A 100 -1.71 22.66 5.93
CA VAL A 100 -2.08 21.56 5.00
C VAL A 100 -1.83 20.22 5.68
N LEU A 101 -0.75 20.13 6.47
CA LEU A 101 -0.44 18.87 7.19
C LEU A 101 -1.56 18.55 8.16
N ASP A 102 -1.96 19.53 8.97
CA ASP A 102 -3.06 19.31 9.93
C ASP A 102 -4.27 18.75 9.16
N VAL A 103 -4.60 19.32 8.01
CA VAL A 103 -5.76 18.81 7.26
C VAL A 103 -5.49 17.40 6.78
N ALA A 104 -4.34 17.20 6.13
CA ALA A 104 -3.94 15.86 5.70
C ALA A 104 -4.05 14.87 6.85
N ARG A 105 -3.37 15.15 7.96
CA ARG A 105 -3.35 14.20 9.07
C ARG A 105 -4.78 13.85 9.51
N MET A 106 -5.59 14.88 9.64
CA MET A 106 -6.98 14.74 10.06
C MET A 106 -7.83 13.97 9.06
N VAL A 107 -7.58 14.12 7.79
CA VAL A 107 -8.31 13.38 6.76
C VAL A 107 -7.81 11.94 6.68
N LEU A 108 -6.49 11.74 6.55
CA LEU A 108 -5.94 10.39 6.47
C LEU A 108 -6.28 9.57 7.72
N PHE A 109 -5.93 10.10 8.89
CA PHE A 109 -6.13 9.34 10.13
C PHE A 109 -7.56 9.45 10.64
N GLY A 110 -8.19 10.62 10.55
CA GLY A 110 -9.50 10.74 11.19
C GLY A 110 -10.69 10.41 10.32
N GLN A 111 -10.47 10.11 9.03
CA GLN A 111 -11.57 9.84 8.11
C GLN A 111 -11.28 8.57 7.30
N VAL A 112 -10.24 8.59 6.47
CA VAL A 112 -9.99 7.47 5.57
C VAL A 112 -9.64 6.20 6.37
N GLY A 113 -8.70 6.30 7.31
CA GLY A 113 -8.33 5.14 8.12
C GLY A 113 -9.49 4.59 8.93
N ARG A 114 -10.32 5.49 9.48
CA ARG A 114 -11.47 5.05 10.25
C ARG A 114 -12.41 4.17 9.46
N GLU A 115 -12.64 4.52 8.19
CA GLU A 115 -13.57 3.75 7.37
C GLU A 115 -13.09 2.32 7.22
N LEU A 116 -11.80 2.15 6.93
CA LEU A 116 -11.29 0.80 6.77
C LEU A 116 -11.28 0.04 8.09
N VAL A 117 -10.94 0.72 9.20
CA VAL A 117 -10.95 0.05 10.49
C VAL A 117 -12.33 -0.51 10.78
N ASN A 118 -13.38 0.26 10.50
CA ASN A 118 -14.72 -0.19 10.81
C ASN A 118 -15.17 -1.30 9.87
N LEU A 119 -14.75 -1.23 8.62
CA LEU A 119 -15.12 -2.22 7.65
C LEU A 119 -14.51 -3.55 8.03
N ILE A 120 -13.23 -3.55 8.30
CA ILE A 120 -12.54 -4.75 8.67
C ILE A 120 -13.15 -5.27 9.95
N ASN A 121 -13.33 -4.40 10.91
CA ASN A 121 -13.87 -4.81 12.18
C ASN A 121 -15.29 -5.33 12.19
N ALA A 122 -15.88 -5.40 11.02
CA ALA A 122 -17.20 -5.98 10.93
C ALA A 122 -17.05 -7.47 11.06
N HIS A 123 -15.84 -7.95 10.82
CA HIS A 123 -15.53 -9.35 10.89
C HIS A 123 -14.93 -9.77 12.20
N GLY A 124 -14.60 -8.82 13.05
CA GLY A 124 -13.99 -9.13 14.32
C GLY A 124 -13.13 -8.03 14.85
N PRO A 125 -12.64 -8.21 16.13
CA PRO A 125 -11.82 -7.12 16.64
C PRO A 125 -10.41 -7.16 16.13
N TYR A 126 -10.23 -6.92 14.85
CA TYR A 126 -8.92 -6.99 14.27
C TYR A 126 -8.17 -5.72 14.01
N ALA A 127 -8.80 -4.80 13.30
CA ALA A 127 -8.14 -3.56 12.91
C ALA A 127 -7.84 -2.54 13.99
N VAL A 128 -6.70 -1.89 13.81
CA VAL A 128 -6.26 -0.86 14.71
C VAL A 128 -5.55 0.19 13.89
N GLY A 129 -5.95 1.43 14.05
CA GLY A 129 -5.35 2.51 13.29
C GLY A 129 -4.18 3.15 13.96
N ILE A 130 -3.18 3.52 13.20
CA ILE A 130 -2.02 4.14 13.75
C ILE A 130 -1.29 5.00 12.76
N THR A 131 -0.36 5.78 13.27
CA THR A 131 0.49 6.59 12.46
C THR A 131 1.81 6.49 13.15
N GLY A 132 2.84 6.94 12.49
CA GLY A 132 4.15 6.99 13.10
C GLY A 132 4.17 7.70 14.43
N GLU A 133 3.17 8.55 14.70
CA GLU A 133 3.14 9.28 15.97
C GLU A 133 2.87 8.33 17.14
N ASP A 134 2.06 7.30 16.92
CA ASP A 134 1.65 6.45 18.03
C ASP A 134 2.82 5.56 18.46
N ALA A 135 3.15 5.62 19.75
CA ALA A 135 4.25 4.83 20.33
C ALA A 135 5.56 4.99 19.57
N GLN A 136 5.73 6.11 18.86
CA GLN A 136 6.93 6.38 18.07
C GLN A 136 7.23 5.22 17.13
N LEU A 137 6.18 4.71 16.51
CA LEU A 137 6.32 3.48 15.73
C LEU A 137 7.21 3.70 14.52
N PHE A 138 7.12 4.86 13.89
CA PHE A 138 8.11 5.19 12.89
C PHE A 138 8.27 6.69 12.78
N THR A 139 9.45 7.08 12.33
CA THR A 139 9.82 8.47 12.17
C THR A 139 9.94 8.80 10.69
N ALA A 140 9.94 10.10 10.40
CA ALA A 140 10.08 10.59 9.04
C ALA A 140 11.30 11.47 8.93
N VAL A 141 11.88 11.52 7.73
CA VAL A 141 12.92 12.48 7.38
C VAL A 141 12.41 13.33 6.23
N ARG A 142 12.59 14.64 6.33
CA ARG A 142 12.06 15.54 5.32
C ARG A 142 12.66 15.22 3.96
N ARG A 143 11.80 15.11 2.95
CA ARG A 143 12.22 14.87 1.58
C ARG A 143 12.14 16.16 0.78
N SER A 144 12.89 16.19 -0.32
CA SER A 144 12.74 17.22 -1.33
C SER A 144 12.49 16.54 -2.67
N VAL A 145 11.68 17.18 -3.50
CA VAL A 145 11.37 16.68 -4.82
C VAL A 145 12.22 17.44 -5.82
N THR A 146 12.45 16.81 -6.97
CA THR A 146 13.14 17.45 -8.07
C THR A 146 12.10 17.96 -9.06
N VAL A 147 12.23 19.22 -9.47
CA VAL A 147 11.24 19.83 -10.36
C VAL A 147 11.96 20.51 -11.52
N ASP A 148 11.57 20.14 -12.73
CA ASP A 148 12.10 20.74 -13.98
C ASP A 148 13.61 20.90 -13.94
N GLY A 149 14.29 20.06 -13.15
CA GLY A 149 15.74 20.12 -13.04
C GLY A 149 16.31 20.15 -11.64
N VAL A 150 15.79 21.00 -10.76
CA VAL A 150 16.41 21.31 -9.48
C VAL A 150 15.57 20.76 -8.33
N ALA A 151 16.23 20.12 -7.37
CA ALA A 151 15.55 19.68 -6.16
C ALA A 151 15.03 20.88 -5.39
N THR A 152 13.85 20.71 -4.78
CA THR A 152 13.09 21.84 -4.27
C THR A 152 12.31 21.41 -3.03
N ASP A 153 12.14 22.34 -2.09
CA ASP A 153 11.39 22.07 -0.88
C ASP A 153 9.91 22.30 -1.10
N ILE A 154 9.08 21.37 -0.62
CA ILE A 154 7.64 21.47 -0.73
C ILE A 154 7.01 21.22 0.64
N GLY A 155 7.68 21.67 1.69
CA GLY A 155 7.07 21.68 3.02
C GLY A 155 7.21 20.34 3.74
N LEU A 156 6.23 20.06 4.60
CA LEU A 156 6.30 18.98 5.58
C LEU A 156 5.96 17.63 4.94
N VAL A 157 6.82 17.21 4.03
CA VAL A 157 6.67 15.96 3.32
C VAL A 157 7.97 15.21 3.50
N GLY A 158 7.88 13.89 3.73
CA GLY A 158 9.10 13.15 3.94
C GLY A 158 8.95 11.70 3.56
N ASP A 159 10.03 10.96 3.79
CA ASP A 159 10.13 9.52 3.67
C ASP A 159 10.23 8.89 5.05
N VAL A 160 9.80 7.63 5.15
CA VAL A 160 9.97 6.89 6.39
C VAL A 160 11.45 6.88 6.75
N ASP A 161 11.78 7.26 7.99
CA ASP A 161 13.16 7.28 8.45
C ASP A 161 13.49 5.97 9.17
N GLN A 162 13.04 5.81 10.42
CA GLN A 162 13.25 4.59 11.19
C GLN A 162 11.90 4.00 11.59
N VAL A 163 11.87 2.68 11.76
CA VAL A 163 10.67 1.93 12.10
C VAL A 163 10.93 1.11 13.36
N ASN A 164 10.02 1.17 14.34
CA ASN A 164 10.16 0.31 15.51
C ASN A 164 9.65 -1.07 15.08
N THR A 165 10.55 -1.80 14.42
CA THR A 165 10.23 -3.14 13.94
C THR A 165 9.68 -4.02 15.07
N ALA A 166 10.32 -3.97 16.25
CA ALA A 166 9.91 -4.80 17.37
C ALA A 166 8.45 -4.54 17.77
N ALA A 167 8.15 -3.31 18.19
CA ALA A 167 6.80 -3.00 18.64
C ALA A 167 5.75 -3.30 17.57
N MET A 168 6.08 -3.05 16.30
CA MET A 168 5.13 -3.32 15.24
C MET A 168 4.75 -4.81 15.18
N LEU A 169 5.74 -5.70 15.32
CA LEU A 169 5.46 -7.14 15.22
C LEU A 169 4.77 -7.69 16.46
N ASP A 170 5.06 -7.15 17.65
CA ASP A 170 4.23 -7.46 18.81
C ASP A 170 2.78 -7.11 18.53
N LEU A 171 2.54 -5.97 17.88
CA LEU A 171 1.17 -5.55 17.58
C LEU A 171 0.46 -6.60 16.73
N VAL A 172 1.18 -7.24 15.80
CA VAL A 172 0.50 -8.20 14.93
C VAL A 172 0.43 -9.57 15.59
N ALA A 173 1.42 -9.93 16.41
CA ALA A 173 1.36 -11.19 17.13
C ALA A 173 0.18 -11.19 18.10
N ALA A 174 -0.24 -10.02 18.57
CA ALA A 174 -1.45 -9.92 19.36
C ALA A 174 -2.71 -10.24 18.55
N GLY A 175 -2.58 -10.51 17.25
CA GLY A 175 -3.72 -10.80 16.39
C GLY A 175 -4.32 -9.58 15.73
N ARG A 176 -3.56 -8.50 15.55
CA ARG A 176 -4.09 -7.23 15.09
C ARG A 176 -3.72 -7.00 13.64
N ILE A 177 -4.59 -6.26 12.96
CA ILE A 177 -4.29 -5.74 11.62
C ILE A 177 -4.01 -4.24 11.79
N PRO A 178 -2.79 -3.82 11.64
CA PRO A 178 -2.54 -2.40 11.74
C PRO A 178 -2.99 -1.73 10.46
N VAL A 179 -3.64 -0.59 10.56
CA VAL A 179 -4.06 0.15 9.41
C VAL A 179 -3.29 1.42 9.57
N VAL A 180 -2.29 1.61 8.74
CA VAL A 180 -1.40 2.73 8.84
C VAL A 180 -1.69 3.94 7.99
N SER A 181 -1.70 5.10 8.62
CA SER A 181 -1.88 6.36 7.94
C SER A 181 -0.48 6.87 7.92
N THR A 182 0.03 7.18 6.74
CA THR A 182 1.40 7.59 6.58
C THR A 182 1.84 8.96 7.05
N LEU A 183 1.81 9.17 8.34
CA LEU A 183 2.25 10.41 8.90
C LEU A 183 3.17 10.06 10.04
N ALA A 184 4.27 10.78 10.18
CA ALA A 184 5.19 10.49 11.24
C ALA A 184 5.97 11.69 11.59
N PRO A 185 6.50 11.69 12.88
CA PRO A 185 7.29 12.88 13.20
C PRO A 185 8.73 12.73 12.84
N ASP A 186 9.41 13.84 12.67
CA ASP A 186 10.85 13.79 12.39
C ASP A 186 11.60 13.65 13.70
N ALA A 187 12.91 13.89 13.67
CA ALA A 187 13.69 13.75 14.89
C ALA A 187 13.34 14.82 15.93
N ASP A 188 12.66 15.89 15.54
CA ASP A 188 12.34 16.97 16.46
C ASP A 188 10.86 17.01 16.82
N GLY A 189 10.12 15.94 16.52
CA GLY A 189 8.71 15.88 16.82
C GLY A 189 7.80 16.59 15.85
N VAL A 190 8.31 16.98 14.68
CA VAL A 190 7.53 17.74 13.71
C VAL A 190 6.95 16.75 12.70
N VAL A 191 5.63 16.60 12.70
CA VAL A 191 4.98 15.56 11.92
C VAL A 191 4.99 15.92 10.44
N HIS A 192 5.41 14.96 9.61
CA HIS A 192 5.44 15.06 8.15
C HIS A 192 4.42 14.10 7.56
N ASN A 193 4.03 14.36 6.32
CA ASN A 193 3.18 13.44 5.57
C ASN A 193 4.06 12.66 4.60
N ILE A 194 3.85 11.35 4.54
CA ILE A 194 4.71 10.48 3.76
C ILE A 194 3.88 9.89 2.63
N ASN A 195 4.46 9.83 1.42
CA ASN A 195 3.79 9.18 0.29
C ASN A 195 3.48 7.73 0.65
N ALA A 196 2.23 7.32 0.46
CA ALA A 196 1.79 6.04 1.00
C ALA A 196 2.45 4.86 0.29
N ASP A 197 2.73 5.00 -1.01
CA ASP A 197 3.40 3.94 -1.75
C ASP A 197 4.79 3.68 -1.19
N THR A 198 5.62 4.73 -1.06
CA THR A 198 6.96 4.56 -0.52
C THR A 198 6.92 4.06 0.92
N ALA A 199 5.96 4.56 1.72
CA ALA A 199 5.88 4.10 3.09
C ALA A 199 5.60 2.61 3.17
N ALA A 200 4.71 2.11 2.31
CA ALA A 200 4.41 0.68 2.29
C ALA A 200 5.68 -0.11 2.05
N ALA A 201 6.47 0.31 1.05
CA ALA A 201 7.73 -0.35 0.75
C ALA A 201 8.67 -0.32 1.96
N ALA A 202 8.71 0.79 2.69
CA ALA A 202 9.59 0.88 3.85
C ALA A 202 9.10 -0.01 5.00
N VAL A 203 7.78 -0.09 5.21
CA VAL A 203 7.26 -0.95 6.25
C VAL A 203 7.49 -2.42 5.91
N ALA A 204 7.26 -2.79 4.65
CA ALA A 204 7.50 -4.15 4.20
C ALA A 204 8.93 -4.58 4.48
N GLU A 205 9.90 -3.74 4.12
CA GLU A 205 11.30 -4.08 4.34
C GLU A 205 11.64 -4.12 5.83
N ALA A 206 11.11 -3.20 6.62
CA ALA A 206 11.44 -3.18 8.05
C ALA A 206 10.88 -4.39 8.77
N LEU A 207 9.69 -4.87 8.37
CA LEU A 207 9.07 -5.96 9.10
C LEU A 207 9.43 -7.34 8.57
N GLY A 208 10.35 -7.44 7.60
CA GLY A 208 10.64 -8.73 7.01
C GLY A 208 9.41 -9.34 6.38
N ALA A 209 8.65 -8.54 5.63
CA ALA A 209 7.44 -9.04 4.98
C ALA A 209 7.80 -10.09 3.94
N GLU A 210 6.87 -10.99 3.73
CA GLU A 210 7.06 -12.05 2.78
C GLU A 210 6.64 -11.54 1.44
N LYS A 211 5.68 -10.64 1.43
CA LYS A 211 5.18 -10.08 0.21
C LYS A 211 4.69 -8.67 0.38
N LEU A 212 4.84 -7.87 -0.66
CA LEU A 212 4.34 -6.52 -0.65
C LEU A 212 3.33 -6.47 -1.76
N LEU A 213 2.11 -6.07 -1.44
CA LEU A 213 1.07 -5.96 -2.44
C LEU A 213 0.80 -4.49 -2.65
N MET A 214 0.65 -4.10 -3.91
CA MET A 214 0.40 -2.69 -4.29
C MET A 214 -0.89 -2.65 -5.10
N LEU A 215 -2.00 -2.28 -4.49
CA LEU A 215 -3.26 -2.14 -5.24
C LEU A 215 -3.21 -0.86 -6.06
N THR A 216 -3.34 -0.99 -7.38
CA THR A 216 -3.38 0.15 -8.30
C THR A 216 -4.55 0.00 -9.26
N ASP A 217 -4.79 1.03 -10.06
CA ASP A 217 -5.87 1.04 -11.05
C ASP A 217 -5.34 0.71 -12.44
N ILE A 218 -4.80 -0.50 -12.61
CA ILE A 218 -4.35 -0.97 -13.93
C ILE A 218 -4.23 -2.48 -13.89
N ASP A 219 -4.30 -3.12 -15.07
CA ASP A 219 -4.17 -4.58 -15.15
C ASP A 219 -2.84 -5.05 -14.59
N GLY A 220 -1.79 -4.27 -14.82
CA GLY A 220 -0.43 -4.67 -14.51
C GLY A 220 0.52 -3.77 -15.26
N LEU A 221 1.81 -4.08 -15.12
CA LEU A 221 2.84 -3.26 -15.73
C LEU A 221 2.93 -3.51 -17.23
N TYR A 222 2.89 -2.42 -18.00
CA TYR A 222 3.08 -2.45 -19.45
C TYR A 222 4.44 -1.84 -19.76
N THR A 223 5.30 -2.59 -20.44
CA THR A 223 6.62 -2.04 -20.79
C THR A 223 6.51 -1.02 -21.92
N ARG A 224 5.69 -1.35 -22.90
CA ARG A 224 5.45 -0.46 -24.03
C ARG A 224 4.00 -0.01 -24.08
N TRP A 225 3.53 0.64 -23.04
CA TRP A 225 2.14 1.10 -23.03
C TRP A 225 1.95 2.06 -24.21
N PRO A 226 0.86 1.89 -24.96
CA PRO A 226 -0.21 0.92 -24.68
C PRO A 226 -0.31 -0.31 -25.62
N ASP A 227 0.79 -0.91 -26.07
CA ASP A 227 0.72 -2.21 -26.73
C ASP A 227 0.08 -3.21 -25.77
N ARG A 228 -0.96 -3.90 -26.24
CA ARG A 228 -1.70 -4.80 -25.36
C ARG A 228 -0.82 -5.94 -24.84
N ASP A 229 0.08 -6.43 -25.68
CA ASP A 229 0.92 -7.58 -25.33
C ASP A 229 2.28 -7.16 -24.83
N SER A 230 2.50 -5.88 -24.54
CA SER A 230 3.65 -5.46 -23.76
C SER A 230 3.45 -5.72 -22.27
N LEU A 231 2.31 -6.30 -21.91
CA LEU A 231 1.95 -6.48 -20.51
C LEU A 231 2.66 -7.71 -19.96
N VAL A 232 3.37 -7.54 -18.85
CA VAL A 232 4.28 -8.58 -18.35
C VAL A 232 3.75 -9.15 -17.03
N SER A 233 4.08 -10.42 -16.80
CA SER A 233 3.61 -11.17 -15.65
C SER A 233 4.60 -11.16 -14.48
N GLU A 234 5.90 -11.07 -14.77
CA GLU A 234 6.96 -11.12 -13.78
C GLU A 234 8.19 -10.42 -14.35
N ILE A 235 8.97 -9.80 -13.47
CA ILE A 235 10.14 -9.04 -13.91
C ILE A 235 11.09 -8.91 -12.73
N ASP A 236 12.39 -8.83 -13.01
CA ASP A 236 13.39 -8.66 -11.97
C ASP A 236 13.73 -7.18 -11.79
N THR A 237 14.32 -6.88 -10.63
CA THR A 237 14.56 -5.48 -10.26
C THR A 237 15.52 -4.80 -11.23
N GLY A 238 16.61 -5.46 -11.59
CA GLY A 238 17.55 -4.86 -12.53
C GLY A 238 16.90 -4.48 -13.84
N THR A 239 16.08 -5.36 -14.39
CA THR A 239 15.37 -5.06 -15.63
C THR A 239 14.39 -3.91 -15.42
N LEU A 240 13.61 -3.97 -14.34
CA LEU A 240 12.61 -2.94 -14.09
C LEU A 240 13.25 -1.59 -13.80
N ALA A 241 14.41 -1.58 -13.14
CA ALA A 241 15.11 -0.32 -12.90
C ALA A 241 15.50 0.35 -14.22
N GLN A 242 15.99 -0.43 -15.19
CA GLN A 242 16.36 0.16 -16.48
C GLN A 242 15.13 0.67 -17.22
N LEU A 243 13.96 0.11 -16.93
CA LEU A 243 12.72 0.49 -17.61
C LEU A 243 12.00 1.66 -16.92
N LEU A 244 12.25 1.88 -15.63
CA LEU A 244 11.55 2.91 -14.87
C LEU A 244 11.54 4.29 -15.51
N PRO A 245 12.64 4.81 -16.09
CA PRO A 245 12.59 6.18 -16.63
C PRO A 245 11.58 6.40 -17.75
N THR A 246 10.91 5.36 -18.26
CA THR A 246 10.06 5.50 -19.43
C THR A 246 8.56 5.57 -19.12
N LEU A 247 8.13 5.21 -17.91
CA LEU A 247 6.73 4.86 -17.66
C LEU A 247 5.89 6.09 -17.33
N GLU A 248 4.56 5.90 -17.39
CA GLU A 248 3.55 6.93 -17.14
C GLU A 248 3.83 7.66 -15.83
N SER A 249 3.26 8.87 -15.69
CA SER A 249 3.57 9.71 -14.54
C SER A 249 3.28 9.00 -13.22
N GLY A 250 2.16 8.27 -13.16
CA GLY A 250 1.68 7.74 -11.89
C GLY A 250 2.16 6.34 -11.55
N MET A 251 2.71 5.64 -12.55
CA MET A 251 3.24 4.30 -12.30
C MET A 251 4.58 4.34 -11.57
N VAL A 252 5.26 5.47 -11.57
CA VAL A 252 6.59 5.58 -10.98
C VAL A 252 6.54 5.24 -9.49
N PRO A 253 5.69 5.88 -8.66
CA PRO A 253 5.72 5.56 -7.23
C PRO A 253 5.46 4.10 -6.93
N LYS A 254 4.48 3.49 -7.60
CA LYS A 254 4.21 2.08 -7.34
C LYS A 254 5.38 1.20 -7.76
N VAL A 255 6.14 1.61 -8.78
CA VAL A 255 7.27 0.80 -9.26
C VAL A 255 8.52 1.07 -8.42
N GLU A 256 8.77 2.34 -8.08
CA GLU A 256 9.88 2.64 -7.19
C GLU A 256 9.72 1.89 -5.87
N ALA A 257 8.49 1.80 -5.38
CA ALA A 257 8.24 1.07 -4.14
C ALA A 257 8.61 -0.40 -4.30
N CYS A 258 8.11 -1.04 -5.36
CA CYS A 258 8.38 -2.46 -5.57
C CYS A 258 9.88 -2.71 -5.66
N LEU A 259 10.62 -1.81 -6.30
CA LEU A 259 12.07 -1.96 -6.34
C LEU A 259 12.66 -1.88 -4.94
N ARG A 260 12.43 -0.76 -4.25
CA ARG A 260 13.09 -0.55 -2.96
C ARG A 260 12.71 -1.63 -1.95
N ALA A 261 11.53 -2.23 -2.10
CA ALA A 261 11.17 -3.34 -1.22
C ALA A 261 11.95 -4.60 -1.56
N VAL A 262 11.92 -5.00 -2.84
CA VAL A 262 12.49 -6.27 -3.24
C VAL A 262 14.01 -6.25 -3.10
N ILE A 263 14.66 -5.12 -3.43
CA ILE A 263 16.10 -5.08 -3.20
C ILE A 263 16.37 -5.01 -1.71
N GLY A 264 15.41 -4.50 -0.93
CA GLY A 264 15.55 -4.53 0.51
C GLY A 264 15.41 -5.88 1.14
N GLY A 265 15.17 -6.93 0.35
CA GLY A 265 15.07 -8.29 0.87
C GLY A 265 13.67 -8.86 0.91
N VAL A 266 12.64 -8.08 0.57
CA VAL A 266 11.29 -8.64 0.47
C VAL A 266 11.22 -9.59 -0.72
N PRO A 267 10.80 -10.84 -0.53
CA PRO A 267 10.94 -11.84 -1.61
C PRO A 267 10.22 -11.47 -2.89
N SER A 268 9.01 -10.91 -2.81
CA SER A 268 8.38 -10.40 -4.02
C SER A 268 7.46 -9.23 -3.69
N ALA A 269 7.42 -8.26 -4.58
CA ALA A 269 6.40 -7.22 -4.59
C ALA A 269 5.49 -7.46 -5.77
N HIS A 270 4.24 -7.02 -5.65
CA HIS A 270 3.23 -7.32 -6.66
C HIS A 270 2.43 -6.07 -6.96
N ILE A 271 2.29 -5.76 -8.24
CA ILE A 271 1.39 -4.71 -8.70
C ILE A 271 0.13 -5.42 -9.16
N ILE A 272 -0.97 -5.28 -8.42
CA ILE A 272 -2.21 -5.97 -8.75
C ILE A 272 -3.32 -4.96 -8.97
N ASP A 273 -4.38 -5.41 -9.65
CA ASP A 273 -5.46 -4.55 -10.15
C ASP A 273 -6.51 -4.36 -9.06
N GLY A 274 -6.54 -3.17 -8.44
CA GLY A 274 -7.50 -2.94 -7.37
C GLY A 274 -8.94 -2.88 -7.82
N ARG A 275 -9.19 -2.85 -9.13
CA ARG A 275 -10.55 -2.82 -9.63
C ARG A 275 -11.20 -4.19 -9.69
N VAL A 276 -10.46 -5.27 -9.40
CA VAL A 276 -10.99 -6.62 -9.37
C VAL A 276 -11.44 -6.97 -7.95
N THR A 277 -12.69 -7.38 -7.81
CA THR A 277 -13.19 -7.81 -6.51
C THR A 277 -12.35 -8.96 -5.97
N HIS A 278 -11.96 -8.84 -4.70
CA HIS A 278 -11.12 -9.81 -4.01
C HIS A 278 -9.78 -10.02 -4.72
N CYS A 279 -9.23 -8.94 -5.29
CA CYS A 279 -7.95 -9.05 -5.99
C CYS A 279 -6.88 -9.71 -5.13
N VAL A 280 -6.85 -9.41 -3.83
CA VAL A 280 -5.79 -9.97 -2.98
C VAL A 280 -5.96 -11.47 -2.81
N LEU A 281 -7.19 -11.95 -2.61
CA LEU A 281 -7.42 -13.40 -2.63
C LEU A 281 -6.91 -14.01 -3.94
N VAL A 282 -7.20 -13.35 -5.07
CA VAL A 282 -6.81 -13.88 -6.36
C VAL A 282 -5.29 -13.91 -6.50
N GLU A 283 -4.62 -12.81 -6.11
CA GLU A 283 -3.18 -12.76 -6.29
C GLU A 283 -2.46 -13.72 -5.32
N LEU A 284 -3.00 -13.91 -4.12
CA LEU A 284 -2.28 -14.67 -3.10
C LEU A 284 -2.52 -16.17 -3.18
N PHE A 285 -3.74 -16.60 -3.48
CA PHE A 285 -4.15 -17.99 -3.33
C PHE A 285 -4.51 -18.66 -4.66
N THR A 286 -4.13 -18.05 -5.76
CA THR A 286 -4.54 -18.49 -7.09
C THR A 286 -3.38 -18.20 -8.04
N ASP A 287 -3.22 -19.03 -9.06
CA ASP A 287 -2.17 -18.82 -10.05
C ASP A 287 -2.65 -18.02 -11.25
N ALA A 288 -3.85 -17.44 -11.19
CA ALA A 288 -4.49 -16.82 -12.33
C ALA A 288 -4.62 -15.31 -12.18
N GLY A 289 -3.68 -14.69 -11.47
CA GLY A 289 -3.75 -13.26 -11.26
C GLY A 289 -3.25 -12.46 -12.44
N THR A 290 -3.81 -11.27 -12.58
CA THR A 290 -3.41 -10.32 -13.60
C THR A 290 -2.22 -9.45 -13.19
N GLY A 291 -1.82 -9.52 -11.93
CA GLY A 291 -0.81 -8.61 -11.44
C GLY A 291 0.56 -8.84 -12.07
N THR A 292 1.52 -8.01 -11.66
CA THR A 292 2.92 -8.13 -12.04
C THR A 292 3.75 -8.40 -10.79
N LYS A 293 4.58 -9.46 -10.82
CA LYS A 293 5.41 -9.85 -9.69
C LYS A 293 6.84 -9.41 -9.91
N VAL A 294 7.42 -8.70 -8.94
CA VAL A 294 8.80 -8.21 -9.00
C VAL A 294 9.66 -9.05 -8.08
N VAL A 295 10.77 -9.60 -8.61
CA VAL A 295 11.73 -10.37 -7.84
C VAL A 295 13.13 -9.81 -8.04
N ARG A 296 14.07 -10.24 -7.20
CA ARG A 296 15.42 -9.71 -7.22
C ARG A 296 16.22 -10.30 -8.37
N GLY A 297 17.00 -9.45 -9.05
CA GLY A 297 17.84 -9.90 -10.15
C GLY A 297 18.89 -8.89 -10.58
C10 9EQ B . -2.60 0.58 19.14
C01 9EQ B . -4.68 -1.09 20.93
C02 9EQ B . -3.32 -1.55 20.40
O03 9EQ B . -3.07 -2.71 20.41
C04 9EQ B . -2.27 -0.57 19.86
C05 9EQ B . -0.93 -0.84 20.11
O06 9EQ B . -0.60 -1.98 20.84
C07 9EQ B . 0.07 0.00 19.65
C08 9EQ B . -0.26 1.14 18.93
C09 9EQ B . -1.58 1.42 18.67
O11 9EQ B . -3.93 0.91 18.84
S SO4 C . 3.54 -16.42 -6.28
O1 SO4 C . 3.32 -17.75 -6.85
O2 SO4 C . 4.80 -15.85 -6.76
O3 SO4 C . 3.59 -16.53 -4.82
O4 SO4 C . 2.44 -15.54 -6.66
S SO4 D . -7.00 23.70 -6.21
O1 SO4 D . -7.24 23.44 -7.62
O2 SO4 D . -5.75 24.44 -6.05
O3 SO4 D . -6.90 22.44 -5.47
O4 SO4 D . -8.12 24.47 -5.69
C1 EDO E . 2.41 18.17 14.73
O1 EDO E . 3.68 18.77 14.49
C2 EDO E . 1.84 18.67 16.06
O2 EDO E . 0.74 17.83 16.42
#